data_4V0P
#
_entry.id   4V0P
#
_cell.length_a   61.473
_cell.length_b   61.473
_cell.length_c   292.831
_cell.angle_alpha   90.00
_cell.angle_beta   90.00
_cell.angle_gamma   120.00
#
_symmetry.space_group_name_H-M   'P 61 2 2'
#
loop_
_entity.id
_entity.type
_entity.pdbx_description
1 polymer 'MELANOMA-ASSOCIATED ANTIGEN 3'
2 water water
#
_entity_poly.entity_id   1
_entity_poly.type   'polypeptide(L)'
_entity_poly.pdbx_seq_one_letter_code
;SMEFQAALSRKVAELVHFLLLKYRAREPVTKAEMLGSVVGNWQYFFPVIFSKASSSLQLVFGIELMEVDPIGHLYIFATC
LGLSYDGLLGDNQIMPKAGLLIIVLAIIAREGDCAPEEKIWEELSVLEVFEGREDSILGDPKKLLTQHFVQENYLEYRQV
PGSDPACYEFLWGPRALVETSYVKVLHHMVKISGGPHISYPPLHEWVLREGEE
;
_entity_poly.pdbx_strand_id   A
#
# COMPACT_ATOMS: atom_id res chain seq x y z
N SER A 1 19.54 -13.02 17.22
CA SER A 1 19.47 -12.15 16.06
C SER A 1 18.12 -12.27 15.36
N MET A 2 17.75 -13.51 15.01
CA MET A 2 16.43 -13.78 14.48
C MET A 2 15.40 -13.35 15.51
N GLU A 3 15.71 -13.62 16.77
CA GLU A 3 14.88 -13.19 17.88
C GLU A 3 14.97 -11.67 18.07
N PHE A 4 16.12 -11.10 17.72
CA PHE A 4 16.28 -9.67 17.80
C PHE A 4 15.55 -8.97 16.66
N GLN A 5 15.66 -9.51 15.46
CA GLN A 5 15.01 -8.93 14.31
C GLN A 5 13.49 -8.90 14.49
N ALA A 6 12.96 -9.97 15.07
CA ALA A 6 11.53 -10.10 15.33
C ALA A 6 11.08 -9.08 16.37
N ALA A 7 11.89 -8.88 17.40
CA ALA A 7 11.58 -7.91 18.45
C ALA A 7 11.61 -6.50 17.87
N LEU A 8 12.57 -6.26 16.99
CA LEU A 8 12.68 -4.98 16.30
C LEU A 8 11.46 -4.75 15.42
N SER A 9 11.06 -5.81 14.71
CA SER A 9 9.88 -5.78 13.87
C SER A 9 8.63 -5.41 14.67
N ARG A 10 8.54 -5.94 15.89
CA ARG A 10 7.41 -5.65 16.77
C ARG A 10 7.36 -4.16 17.14
N LYS A 11 8.52 -3.56 17.35
CA LYS A 11 8.58 -2.13 17.67
C LYS A 11 8.14 -1.27 16.48
N VAL A 12 8.41 -1.76 15.28
CA VAL A 12 7.93 -1.11 14.06
C VAL A 12 6.39 -1.12 14.04
N ALA A 13 5.82 -2.29 14.28
CA ALA A 13 4.37 -2.44 14.28
C ALA A 13 3.71 -1.50 15.28
N GLU A 14 4.34 -1.33 16.43
CA GLU A 14 3.82 -0.45 17.47
C GLU A 14 3.84 1.01 17.05
N LEU A 15 4.90 1.42 16.35
CA LEU A 15 4.98 2.80 15.86
C LEU A 15 3.98 3.03 14.73
N VAL A 16 3.82 2.03 13.87
CA VAL A 16 2.83 2.08 12.80
C VAL A 16 1.45 2.38 13.38
N HIS A 17 1.08 1.64 14.42
CA HIS A 17 -0.26 1.79 14.99
C HIS A 17 -0.38 3.01 15.88
N PHE A 18 0.74 3.50 16.40
CA PHE A 18 0.77 4.80 17.06
C PHE A 18 0.42 5.89 16.05
N LEU A 19 1.04 5.79 14.87
CA LEU A 19 0.84 6.77 13.81
C LEU A 19 -0.54 6.66 13.18
N LEU A 20 -1.06 5.42 13.10
CA LEU A 20 -2.39 5.20 12.57
C LEU A 20 -3.46 5.88 13.42
N LEU A 21 -3.29 5.85 14.74
CA LEU A 21 -4.23 6.52 15.63
C LEU A 21 -4.20 8.03 15.41
N LYS A 22 -3.01 8.57 15.20
CA LYS A 22 -2.86 9.99 14.91
C LYS A 22 -3.52 10.33 13.58
N TYR A 23 -3.33 9.44 12.61
CA TYR A 23 -3.91 9.60 11.28
C TYR A 23 -5.43 9.67 11.35
N ARG A 24 -6.02 8.73 12.07
CA ARG A 24 -7.48 8.66 12.22
C ARG A 24 -8.02 9.93 12.89
N ALA A 25 -7.27 10.46 13.84
CA ALA A 25 -7.72 11.62 14.61
C ALA A 25 -7.37 12.93 13.91
N ARG A 26 -6.67 12.83 12.78
CA ARG A 26 -6.18 13.98 12.04
C ARG A 26 -5.35 14.89 12.94
N GLU A 27 -4.53 14.30 13.79
CA GLU A 27 -3.62 15.05 14.65
C GLU A 27 -2.24 15.11 14.04
N PRO A 28 -1.67 16.32 13.96
CA PRO A 28 -0.26 16.40 13.60
C PRO A 28 0.59 15.72 14.68
N VAL A 29 1.77 15.25 14.31
CA VAL A 29 2.60 14.54 15.28
C VAL A 29 4.05 14.93 15.10
N THR A 30 4.74 15.19 16.21
CA THR A 30 6.15 15.52 16.17
C THR A 30 7.02 14.28 16.21
N LYS A 31 8.27 14.43 15.76
CA LYS A 31 9.26 13.37 15.86
C LYS A 31 9.53 13.04 17.32
N ALA A 32 9.46 14.07 18.17
CA ALA A 32 9.65 13.89 19.61
C ALA A 32 8.56 13.02 20.21
N GLU A 33 7.33 13.17 19.72
CA GLU A 33 6.23 12.33 20.17
C GLU A 33 6.41 10.88 19.74
N MET A 34 6.88 10.68 18.50
CA MET A 34 7.15 9.33 18.00
C MET A 34 8.24 8.66 18.81
N LEU A 35 9.36 9.36 18.98
CA LEU A 35 10.48 8.87 19.78
C LEU A 35 10.03 8.57 21.21
N GLY A 36 9.13 9.39 21.74
CA GLY A 36 8.59 9.17 23.07
C GLY A 36 7.76 7.90 23.19
N SER A 37 7.12 7.48 22.09
CA SER A 37 6.30 6.29 22.11
C SER A 37 7.14 5.02 22.10
N VAL A 38 8.41 5.16 21.73
CA VAL A 38 9.34 4.04 21.71
C VAL A 38 10.05 3.94 23.05
N VAL A 39 9.97 2.77 23.67
CA VAL A 39 10.42 2.59 25.05
C VAL A 39 11.88 2.14 25.18
N GLY A 40 12.60 2.74 26.12
CA GLY A 40 13.89 2.25 26.56
C GLY A 40 15.03 2.24 25.56
N ASN A 41 15.76 1.12 25.53
CA ASN A 41 16.94 0.99 24.68
C ASN A 41 16.61 0.93 23.19
N TRP A 42 15.34 0.73 22.88
CA TRP A 42 14.90 0.66 21.49
C TRP A 42 14.97 2.04 20.83
N GLN A 43 15.05 3.10 21.63
CA GLN A 43 15.18 4.44 21.10
C GLN A 43 16.46 4.59 20.27
N TYR A 44 17.47 3.80 20.62
CA TYR A 44 18.72 3.79 19.86
C TYR A 44 18.46 3.37 18.41
N PHE A 45 17.38 2.64 18.18
CA PHE A 45 17.07 2.13 16.86
C PHE A 45 15.98 2.91 16.17
N PHE A 46 15.61 4.05 16.74
CA PHE A 46 14.53 4.87 16.19
C PHE A 46 14.67 5.20 14.69
N PRO A 47 15.89 5.50 14.21
CA PRO A 47 16.00 5.80 12.78
C PRO A 47 15.48 4.70 11.85
N VAL A 48 15.83 3.44 12.12
CA VAL A 48 15.36 2.36 11.27
C VAL A 48 13.89 2.03 11.57
N ILE A 49 13.49 2.17 12.82
CA ILE A 49 12.09 1.95 13.19
C ILE A 49 11.22 2.97 12.48
N PHE A 50 11.68 4.21 12.42
CA PHE A 50 10.92 5.27 11.77
C PHE A 50 10.79 5.03 10.28
N SER A 51 11.91 4.75 9.63
CA SER A 51 11.90 4.61 8.19
C SER A 51 11.14 3.36 7.76
N LYS A 52 11.20 2.31 8.56
CA LYS A 52 10.42 1.10 8.28
C LYS A 52 8.93 1.36 8.48
N ALA A 53 8.59 2.08 9.54
CA ALA A 53 7.19 2.41 9.81
C ALA A 53 6.66 3.33 8.72
N SER A 54 7.48 4.30 8.32
CA SER A 54 7.10 5.25 7.28
C SER A 54 6.85 4.55 5.94
N SER A 55 7.70 3.60 5.60
CA SER A 55 7.53 2.82 4.38
C SER A 55 6.30 1.92 4.45
N SER A 56 6.06 1.33 5.62
CA SER A 56 4.87 0.50 5.82
C SER A 56 3.59 1.29 5.58
N LEU A 57 3.55 2.53 6.06
CA LEU A 57 2.37 3.37 5.90
C LEU A 57 2.07 3.60 4.43
N GLN A 58 3.10 3.86 3.65
CA GLN A 58 2.96 4.08 2.22
C GLN A 58 2.51 2.83 1.49
N LEU A 59 3.29 1.76 1.67
CA LEU A 59 3.09 0.54 0.89
C LEU A 59 1.83 -0.22 1.30
N VAL A 60 1.65 -0.41 2.60
CA VAL A 60 0.51 -1.19 3.10
C VAL A 60 -0.77 -0.37 3.18
N PHE A 61 -0.67 0.84 3.73
CA PHE A 61 -1.88 1.58 4.06
C PHE A 61 -2.18 2.74 3.09
N GLY A 62 -1.28 3.03 2.17
CA GLY A 62 -1.46 4.15 1.25
C GLY A 62 -1.50 5.49 1.96
N ILE A 63 -0.70 5.61 3.01
CA ILE A 63 -0.63 6.84 3.81
C ILE A 63 0.75 7.48 3.72
N GLU A 64 0.79 8.76 3.36
CA GLU A 64 2.04 9.51 3.30
C GLU A 64 2.23 10.32 4.57
N LEU A 65 3.43 10.23 5.13
CA LEU A 65 3.80 11.00 6.31
C LEU A 65 4.71 12.15 5.87
N MET A 66 4.24 13.38 6.02
CA MET A 66 4.98 14.53 5.48
C MET A 66 5.38 15.55 6.53
N GLU A 67 6.66 15.91 6.54
CA GLU A 67 7.16 16.93 7.45
C GLU A 67 6.78 18.31 6.92
N VAL A 68 6.05 19.09 7.73
CA VAL A 68 5.65 20.43 7.34
C VAL A 68 6.44 21.49 8.09
N ASP A 69 7.13 21.07 9.14
CA ASP A 69 7.99 21.95 9.92
C ASP A 69 9.33 21.26 10.15
N PRO A 70 10.35 21.64 9.36
CA PRO A 70 11.65 20.96 9.41
C PRO A 70 12.46 21.30 10.66
N ILE A 71 12.03 22.32 11.38
CA ILE A 71 12.75 22.77 12.57
C ILE A 71 12.22 22.06 13.82
N GLY A 72 10.90 22.07 13.99
CA GLY A 72 10.29 21.41 15.13
C GLY A 72 9.96 19.95 14.83
N HIS A 73 10.22 19.53 13.59
CA HIS A 73 9.94 18.18 13.13
C HIS A 73 8.48 17.79 13.32
N LEU A 74 7.59 18.64 12.82
CA LEU A 74 6.16 18.37 12.87
C LEU A 74 5.71 17.70 11.57
N TYR A 75 4.98 16.59 11.71
CA TYR A 75 4.50 15.84 10.55
C TYR A 75 2.98 15.86 10.46
N ILE A 76 2.47 15.84 9.23
CA ILE A 76 1.05 15.60 8.98
C ILE A 76 0.92 14.35 8.11
N PHE A 77 -0.33 13.99 7.79
CA PHE A 77 -0.57 12.84 6.94
C PHE A 77 -1.31 13.25 5.67
N ALA A 78 -1.19 12.41 4.64
CA ALA A 78 -1.97 12.56 3.43
C ALA A 78 -2.13 11.18 2.78
N THR A 79 -3.19 11.02 2.00
CA THR A 79 -3.36 9.79 1.24
C THR A 79 -2.36 9.78 0.08
N CYS A 80 -1.75 8.63 -0.19
CA CYS A 80 -0.82 8.50 -1.30
C CYS A 80 -1.48 8.92 -2.61
N LEU A 81 -0.71 9.60 -3.46
CA LEU A 81 -1.17 10.08 -4.77
C LEU A 81 -2.30 11.12 -4.67
N GLY A 82 -2.63 11.54 -3.45
CA GLY A 82 -3.64 12.57 -3.25
C GLY A 82 -5.07 12.10 -3.43
N LEU A 83 -5.29 10.79 -3.35
CA LEU A 83 -6.64 10.25 -3.54
C LEU A 83 -7.59 10.72 -2.45
N SER A 84 -8.85 10.91 -2.81
CA SER A 84 -9.86 11.41 -1.87
C SER A 84 -10.56 10.27 -1.12
N TYR A 85 -9.87 9.15 -0.97
CA TYR A 85 -10.48 7.95 -0.41
C TYR A 85 -9.48 7.17 0.41
N ASP A 86 -9.89 6.71 1.59
CA ASP A 86 -9.05 5.80 2.37
C ASP A 86 -9.83 4.56 2.85
N GLY A 87 -11.09 4.46 2.47
CA GLY A 87 -11.90 3.30 2.77
C GLY A 87 -12.23 3.07 4.23
N LEU A 88 -12.22 4.14 5.03
CA LEU A 88 -12.52 4.01 6.44
C LEU A 88 -14.00 4.19 6.74
N LEU A 89 -14.40 3.85 7.97
CA LEU A 89 -15.79 3.94 8.37
C LEU A 89 -15.92 4.37 9.83
N GLY A 90 -16.10 5.68 10.05
CA GLY A 90 -16.16 6.20 11.41
C GLY A 90 -14.89 5.85 12.16
N ASP A 91 -15.03 5.49 13.43
CA ASP A 91 -13.86 5.12 14.23
C ASP A 91 -13.67 3.60 14.31
N ASN A 92 -14.39 2.87 13.46
CA ASN A 92 -14.22 1.42 13.44
C ASN A 92 -12.82 1.05 13.02
N GLN A 93 -12.19 0.16 13.77
CA GLN A 93 -10.80 -0.20 13.54
C GLN A 93 -10.68 -1.17 12.37
N ILE A 94 -11.00 -0.67 11.18
CA ILE A 94 -10.79 -1.43 9.95
C ILE A 94 -9.62 -0.81 9.20
N MET A 95 -9.00 -1.60 8.34
CA MET A 95 -7.77 -1.20 7.67
C MET A 95 -8.00 -0.11 6.62
N PRO A 96 -7.14 0.93 6.62
CA PRO A 96 -7.13 1.91 5.53
C PRO A 96 -6.87 1.20 4.19
N LYS A 97 -7.58 1.61 3.14
CA LYS A 97 -7.63 0.80 1.92
C LYS A 97 -6.93 1.39 0.71
N ALA A 98 -6.47 2.65 0.80
CA ALA A 98 -5.87 3.32 -0.35
C ALA A 98 -4.64 2.61 -0.90
N GLY A 99 -3.88 1.97 -0.02
CA GLY A 99 -2.68 1.26 -0.47
C GLY A 99 -3.03 0.06 -1.33
N LEU A 100 -4.08 -0.66 -0.94
CA LEU A 100 -4.54 -1.80 -1.70
C LEU A 100 -5.17 -1.36 -3.03
N LEU A 101 -5.88 -0.23 -3.00
CA LEU A 101 -6.45 0.36 -4.20
C LEU A 101 -5.36 0.70 -5.21
N ILE A 102 -4.31 1.36 -4.74
CA ILE A 102 -3.25 1.79 -5.62
C ILE A 102 -2.54 0.58 -6.23
N ILE A 103 -2.43 -0.50 -5.46
CA ILE A 103 -1.81 -1.73 -5.97
C ILE A 103 -2.63 -2.31 -7.11
N VAL A 104 -3.96 -2.33 -6.96
CA VAL A 104 -4.85 -2.81 -8.01
C VAL A 104 -4.72 -1.94 -9.26
N LEU A 105 -4.80 -0.61 -9.08
CA LEU A 105 -4.60 0.33 -10.17
C LEU A 105 -3.28 0.05 -10.89
N ALA A 106 -2.24 -0.25 -10.12
CA ALA A 106 -0.92 -0.51 -10.69
C ALA A 106 -0.90 -1.79 -11.52
N ILE A 107 -1.55 -2.84 -11.03
CA ILE A 107 -1.62 -4.10 -11.76
C ILE A 107 -2.23 -3.89 -13.14
N ILE A 108 -3.32 -3.13 -13.18
CA ILE A 108 -3.99 -2.79 -14.43
C ILE A 108 -3.10 -1.95 -15.32
N ALA A 109 -2.42 -0.97 -14.71
CA ALA A 109 -1.58 -0.05 -15.45
C ALA A 109 -0.44 -0.74 -16.18
N ARG A 110 0.11 -1.79 -15.57
CA ARG A 110 1.21 -2.53 -16.18
C ARG A 110 0.74 -3.41 -17.34
N GLU A 111 -0.54 -3.73 -17.36
CA GLU A 111 -1.07 -4.63 -18.37
C GLU A 111 -1.62 -3.89 -19.59
N GLY A 112 -1.69 -2.57 -19.49
CA GLY A 112 -2.23 -1.75 -20.55
C GLY A 112 -3.55 -1.10 -20.18
N ASP A 113 -4.50 -1.11 -21.10
CA ASP A 113 -5.79 -0.44 -20.86
C ASP A 113 -6.69 -1.20 -19.90
N CYS A 114 -6.53 -2.51 -19.83
CA CYS A 114 -7.34 -3.32 -18.92
C CYS A 114 -6.64 -4.62 -18.58
N ALA A 115 -7.12 -5.28 -17.53
CA ALA A 115 -6.54 -6.54 -17.09
C ALA A 115 -7.63 -7.57 -16.83
N PRO A 116 -7.41 -8.82 -17.30
CA PRO A 116 -8.32 -9.91 -16.96
C PRO A 116 -8.40 -10.08 -15.45
N GLU A 117 -9.58 -10.39 -14.94
CA GLU A 117 -9.77 -10.47 -13.49
C GLU A 117 -8.87 -11.55 -12.89
N GLU A 118 -8.50 -12.54 -13.70
CA GLU A 118 -7.64 -13.63 -13.25
C GLU A 118 -6.24 -13.13 -12.89
N LYS A 119 -5.78 -12.10 -13.57
CA LYS A 119 -4.48 -11.51 -13.28
C LYS A 119 -4.54 -10.74 -11.97
N ILE A 120 -5.66 -10.09 -11.73
CA ILE A 120 -5.88 -9.37 -10.49
C ILE A 120 -5.90 -10.33 -9.30
N TRP A 121 -6.64 -11.43 -9.44
CA TRP A 121 -6.75 -12.40 -8.34
C TRP A 121 -5.41 -13.05 -8.09
N GLU A 122 -4.70 -13.34 -9.17
CA GLU A 122 -3.37 -13.94 -9.11
C GLU A 122 -2.40 -13.07 -8.32
N GLU A 123 -2.36 -11.79 -8.65
CA GLU A 123 -1.45 -10.86 -8.01
C GLU A 123 -1.87 -10.54 -6.57
N LEU A 124 -3.17 -10.50 -6.32
CA LEU A 124 -3.68 -10.15 -4.99
C LEU A 124 -3.56 -11.31 -4.01
N SER A 125 -3.68 -12.53 -4.50
CA SER A 125 -3.66 -13.72 -3.64
C SER A 125 -2.31 -13.90 -2.97
N VAL A 126 -1.32 -13.15 -3.43
CA VAL A 126 0.03 -13.19 -2.89
C VAL A 126 0.16 -12.36 -1.61
N LEU A 127 -0.68 -11.34 -1.46
CA LEU A 127 -0.61 -10.46 -0.30
C LEU A 127 -1.10 -11.14 0.97
N GLU A 128 -0.31 -11.05 2.04
CA GLU A 128 -0.60 -11.74 3.29
C GLU A 128 -1.77 -11.14 4.06
N VAL A 129 -2.20 -9.95 3.63
CA VAL A 129 -3.30 -9.25 4.28
C VAL A 129 -4.59 -10.09 4.27
N PHE A 130 -4.74 -10.96 3.28
CA PHE A 130 -5.96 -11.75 3.15
C PHE A 130 -5.91 -13.05 3.96
N GLU A 131 -4.76 -13.30 4.57
CA GLU A 131 -4.52 -14.42 5.51
C GLU A 131 -5.25 -15.73 5.17
N GLY A 132 -5.29 -16.06 3.89
CA GLY A 132 -5.80 -17.34 3.43
C GLY A 132 -7.25 -17.63 3.75
N ARG A 133 -8.09 -16.61 3.68
CA ARG A 133 -9.50 -16.77 4.02
C ARG A 133 -10.39 -16.66 2.79
N GLU A 134 -9.87 -17.09 1.64
CA GLU A 134 -10.61 -17.00 0.39
C GLU A 134 -11.82 -17.95 0.36
N ASP A 135 -11.89 -18.89 1.30
CA ASP A 135 -13.01 -19.82 1.35
C ASP A 135 -14.16 -19.31 2.23
N SER A 136 -14.18 -18.00 2.47
CA SER A 136 -15.22 -17.41 3.30
C SER A 136 -16.60 -17.56 2.67
N ILE A 137 -17.60 -17.86 3.49
CA ILE A 137 -18.97 -18.06 3.03
C ILE A 137 -19.51 -16.80 2.36
N LEU A 138 -19.21 -15.65 2.96
CA LEU A 138 -19.61 -14.35 2.42
C LEU A 138 -19.01 -14.10 1.03
N GLY A 139 -17.88 -14.77 0.76
CA GLY A 139 -17.18 -14.58 -0.49
C GLY A 139 -15.71 -14.25 -0.26
N ASP A 140 -14.87 -14.59 -1.24
CA ASP A 140 -13.44 -14.29 -1.20
C ASP A 140 -13.21 -12.81 -0.87
N PRO A 141 -12.56 -12.54 0.28
CA PRO A 141 -12.35 -11.17 0.75
C PRO A 141 -11.68 -10.27 -0.28
N LYS A 142 -10.70 -10.78 -1.02
CA LYS A 142 -10.01 -9.95 -2.00
C LYS A 142 -10.94 -9.55 -3.14
N LYS A 143 -11.93 -10.39 -3.44
CA LYS A 143 -12.87 -10.09 -4.52
C LYS A 143 -13.91 -9.07 -4.03
N LEU A 144 -14.36 -9.24 -2.80
CA LEU A 144 -15.30 -8.29 -2.22
C LEU A 144 -14.64 -6.92 -2.06
N LEU A 145 -13.32 -6.91 -1.83
CA LEU A 145 -12.58 -5.67 -1.69
C LEU A 145 -12.57 -4.86 -2.99
N THR A 146 -12.30 -5.53 -4.11
CA THR A 146 -12.30 -4.85 -5.41
C THR A 146 -13.67 -4.27 -5.73
N GLN A 147 -14.72 -4.83 -5.13
CA GLN A 147 -16.07 -4.30 -5.31
C GLN A 147 -16.23 -2.92 -4.69
N HIS A 148 -15.54 -2.68 -3.58
CA HIS A 148 -15.47 -1.33 -3.00
C HIS A 148 -14.92 -0.35 -4.02
N PHE A 149 -13.85 -0.76 -4.68
CA PHE A 149 -13.14 0.12 -5.59
C PHE A 149 -13.98 0.37 -6.84
N VAL A 150 -14.77 -0.61 -7.25
CA VAL A 150 -15.69 -0.41 -8.36
C VAL A 150 -16.82 0.55 -7.99
N GLN A 151 -17.42 0.34 -6.82
CA GLN A 151 -18.56 1.13 -6.38
C GLN A 151 -18.18 2.55 -6.00
N GLU A 152 -16.90 2.77 -5.69
CA GLU A 152 -16.40 4.12 -5.43
C GLU A 152 -15.95 4.78 -6.73
N ASN A 153 -16.11 4.04 -7.84
CA ASN A 153 -15.80 4.51 -9.20
C ASN A 153 -14.31 4.67 -9.51
N TYR A 154 -13.45 4.06 -8.71
CA TYR A 154 -12.04 4.01 -9.02
C TYR A 154 -11.74 2.93 -10.07
N LEU A 155 -12.61 1.93 -10.14
CA LEU A 155 -12.46 0.83 -11.09
C LEU A 155 -13.74 0.61 -11.87
N GLU A 156 -13.62 0.07 -13.07
CA GLU A 156 -14.76 -0.45 -13.79
C GLU A 156 -14.57 -1.94 -14.04
N TYR A 157 -15.67 -2.66 -14.10
CA TYR A 157 -15.67 -4.09 -14.27
C TYR A 157 -16.66 -4.44 -15.38
N ARG A 158 -16.20 -5.19 -16.38
CA ARG A 158 -17.05 -5.49 -17.51
C ARG A 158 -16.69 -6.83 -18.13
N GLN A 159 -17.61 -7.38 -18.91
CA GLN A 159 -17.34 -8.59 -19.67
C GLN A 159 -16.37 -8.26 -20.79
N VAL A 160 -15.39 -9.14 -20.99
CA VAL A 160 -14.49 -9.01 -22.13
C VAL A 160 -15.30 -9.14 -23.41
N PRO A 161 -15.25 -8.10 -24.27
CA PRO A 161 -16.02 -8.05 -25.52
C PRO A 161 -15.88 -9.31 -26.38
N GLY A 162 -16.99 -9.95 -26.68
CA GLY A 162 -17.01 -11.10 -27.56
C GLY A 162 -16.66 -12.43 -26.89
N SER A 163 -16.49 -12.40 -25.56
CA SER A 163 -16.12 -13.60 -24.82
C SER A 163 -17.30 -14.54 -24.64
N ASP A 164 -17.09 -15.82 -24.96
CA ASP A 164 -18.13 -16.84 -24.81
C ASP A 164 -17.49 -18.20 -24.54
N PRO A 165 -17.66 -18.73 -23.31
CA PRO A 165 -18.42 -18.17 -22.19
C PRO A 165 -17.81 -16.89 -21.64
N ALA A 166 -18.61 -16.11 -20.92
CA ALA A 166 -18.23 -14.77 -20.49
C ALA A 166 -16.97 -14.76 -19.64
N CYS A 167 -16.03 -13.89 -20.00
CA CYS A 167 -14.87 -13.57 -19.17
C CYS A 167 -14.97 -12.11 -18.77
N TYR A 168 -14.23 -11.71 -17.74
CA TYR A 168 -14.36 -10.35 -17.22
C TYR A 168 -13.02 -9.67 -16.99
N GLU A 169 -13.02 -8.35 -17.09
CA GLU A 169 -11.80 -7.58 -16.95
C GLU A 169 -12.01 -6.33 -16.11
N PHE A 170 -10.95 -5.89 -15.44
CA PHE A 170 -10.95 -4.63 -14.71
C PHE A 170 -10.28 -3.54 -15.55
N LEU A 171 -10.74 -2.31 -15.35
CA LEU A 171 -10.05 -1.16 -15.93
C LEU A 171 -10.22 0.04 -14.99
N TRP A 172 -9.45 1.09 -15.23
CA TRP A 172 -9.57 2.30 -14.42
C TRP A 172 -10.94 2.93 -14.61
N GLY A 173 -11.56 3.34 -13.51
CA GLY A 173 -12.83 4.03 -13.57
C GLY A 173 -12.61 5.53 -13.75
N PRO A 174 -13.69 6.29 -13.92
CA PRO A 174 -13.61 7.74 -14.10
C PRO A 174 -12.90 8.45 -12.95
N ARG A 175 -13.09 7.98 -11.73
CA ARG A 175 -12.50 8.66 -10.57
C ARG A 175 -10.99 8.51 -10.53
N ALA A 176 -10.49 7.34 -10.95
CA ALA A 176 -9.05 7.10 -10.98
C ALA A 176 -8.36 7.99 -12.01
N LEU A 177 -9.02 8.18 -13.15
CA LEU A 177 -8.47 8.98 -14.24
C LEU A 177 -8.44 10.47 -13.89
N VAL A 178 -9.36 10.88 -13.03
CA VAL A 178 -9.40 12.27 -12.57
C VAL A 178 -8.31 12.58 -11.55
N GLU A 179 -8.18 11.70 -10.55
CA GLU A 179 -7.33 11.98 -9.39
C GLU A 179 -5.86 11.63 -9.60
N THR A 180 -5.57 10.76 -10.56
CA THR A 180 -4.18 10.38 -10.84
C THR A 180 -3.99 9.95 -12.30
N SER A 181 -2.87 9.33 -12.62
CA SER A 181 -2.61 8.84 -13.97
C SER A 181 -1.77 7.56 -13.94
N TYR A 182 -1.66 6.90 -15.09
CA TYR A 182 -0.85 5.70 -15.21
C TYR A 182 0.60 5.95 -14.77
N VAL A 183 1.18 7.00 -15.32
CA VAL A 183 2.58 7.35 -15.07
C VAL A 183 2.82 7.60 -13.58
N LYS A 184 1.95 8.40 -12.97
CA LYS A 184 2.08 8.74 -11.55
C LYS A 184 2.02 7.50 -10.66
N VAL A 185 1.15 6.55 -11.01
CA VAL A 185 0.98 5.36 -10.19
C VAL A 185 2.20 4.45 -10.27
N LEU A 186 2.66 4.19 -11.49
CA LEU A 186 3.80 3.30 -11.68
C LEU A 186 5.07 3.93 -11.12
N HIS A 187 5.15 5.25 -11.18
CA HIS A 187 6.26 5.99 -10.58
C HIS A 187 6.22 5.87 -9.06
N HIS A 188 5.01 5.93 -8.51
CA HIS A 188 4.79 5.83 -7.08
C HIS A 188 5.25 4.46 -6.55
N MET A 189 4.94 3.40 -7.29
CA MET A 189 5.29 2.04 -6.88
C MET A 189 6.80 1.87 -6.85
N VAL A 190 7.48 2.55 -7.76
CA VAL A 190 8.93 2.55 -7.79
C VAL A 190 9.48 3.28 -6.58
N LYS A 191 8.97 4.49 -6.35
CA LYS A 191 9.41 5.33 -5.24
C LYS A 191 9.29 4.63 -3.89
N ILE A 192 8.16 3.96 -3.66
CA ILE A 192 7.92 3.37 -2.35
C ILE A 192 8.53 1.97 -2.20
N SER A 193 9.13 1.46 -3.28
CA SER A 193 9.81 0.17 -3.20
C SER A 193 11.30 0.36 -2.90
N GLY A 194 11.73 1.61 -2.82
CA GLY A 194 13.13 1.93 -2.59
C GLY A 194 13.92 1.98 -3.88
N GLY A 195 13.41 2.71 -4.86
CA GLY A 195 14.03 2.82 -6.17
C GLY A 195 14.02 1.49 -6.91
N PRO A 196 14.52 1.49 -8.15
CA PRO A 196 14.64 0.24 -8.89
C PRO A 196 15.75 -0.65 -8.32
N HIS A 197 15.46 -1.92 -8.13
CA HIS A 197 16.46 -2.85 -7.60
C HIS A 197 17.08 -3.66 -8.72
N ILE A 198 18.26 -3.20 -9.15
CA ILE A 198 18.93 -3.77 -10.31
C ILE A 198 19.89 -4.90 -9.93
N SER A 199 19.48 -6.13 -10.26
CA SER A 199 20.35 -7.28 -10.07
C SER A 199 21.27 -7.41 -11.28
N TYR A 200 22.46 -6.83 -11.15
CA TYR A 200 23.48 -6.87 -12.19
C TYR A 200 24.01 -8.30 -12.37
N PRO A 201 24.04 -8.79 -13.62
CA PRO A 201 24.49 -10.17 -13.88
C PRO A 201 25.98 -10.38 -13.55
N PRO A 202 26.31 -11.57 -13.02
CA PRO A 202 27.69 -11.93 -12.65
C PRO A 202 28.59 -12.05 -13.86
N LEU A 203 29.89 -11.82 -13.67
CA LEU A 203 30.87 -11.78 -14.76
C LEU A 203 30.81 -12.98 -15.70
N HIS A 204 30.62 -14.18 -15.15
CA HIS A 204 30.68 -15.37 -15.98
C HIS A 204 29.42 -15.54 -16.85
N GLU A 205 28.45 -14.63 -16.71
CA GLU A 205 27.27 -14.62 -17.57
C GLU A 205 27.43 -13.72 -18.80
N TRP A 206 28.49 -12.92 -18.85
CA TRP A 206 28.72 -12.08 -20.02
C TRP A 206 30.19 -11.90 -20.39
N VAL A 207 31.08 -12.62 -19.71
CA VAL A 207 32.49 -12.63 -20.09
C VAL A 207 32.93 -14.07 -20.42
N LEU A 208 33.59 -14.24 -21.56
CA LEU A 208 34.09 -15.55 -21.97
C LEU A 208 35.46 -15.89 -21.35
N ARG A 209 35.61 -17.14 -20.92
CA ARG A 209 36.85 -17.61 -20.31
C ARG A 209 37.99 -17.68 -21.32
#